data_4PZS
#
_entry.id   4PZS
#
_cell.length_a   63.672
_cell.length_b   63.672
_cell.length_c   104.116
_cell.angle_alpha   90.00
_cell.angle_beta   90.00
_cell.angle_gamma   90.00
#
_symmetry.space_group_name_H-M   'P 43'
#
loop_
_entity.id
_entity.type
_entity.pdbx_description
1 polymer 'Histone acetyltransferase p300'
2 non-polymer 'ACETYL COENZYME *A'
3 non-polymer 'DIMETHYL SULFOXIDE'
4 water water
#
_entity_poly.entity_id   1
_entity_poly.type   'polypeptide(L)'
_entity_poly.pdbx_seq_one_letter_code
;KFSAKRLPSTRLGTFLENRVNDFLRRQNHPESGEVTVRVVHASDKTVEVKPGMKARFVDSGEMAESFPYRTKALFAFEEI
DGVDLCFFGMHVQEYGSDCPPPNQRRVYISYLDSVHFFRPKCLRTAVYHEILIGYLEYVKKLGYTTGHIWACPPSEGDDY
IFHCHPPDQKIPKPKRLQEWFKKMLDKAVSERIVHDYKDIFKQATEDRLTSAKELPYFEGDFWPNVLEESIKELEQEEEE
RKREENTSNESTDVTKGDSKNAKKKNNKKTSKNKSSLSRGNKKKPGMPNVSNDLSQKLYATMEKHKEVFFVIRLIAGPAA
NSLPPIVDPDPLIPCDLMDGRDAFLTLARDKHLEFSSLRRAQWSTMCMLVELHTQSQD
;
_entity_poly.pdbx_strand_id   A
#
loop_
_chem_comp.id
_chem_comp.type
_chem_comp.name
_chem_comp.formula
ACO non-polymer 'ACETYL COENZYME *A' 'C23 H38 N7 O17 P3 S'
DMS non-polymer 'DIMETHYL SULFOXIDE' 'C2 H6 O S'
#
# COMPACT_ATOMS: atom_id res chain seq x y z
N LYS A 1 -2.16 -30.94 -3.07
CA LYS A 1 -3.28 -29.99 -3.01
C LYS A 1 -2.76 -28.58 -3.23
N PHE A 2 -3.50 -27.80 -4.02
CA PHE A 2 -3.07 -26.46 -4.38
C PHE A 2 -3.92 -25.41 -3.68
N SER A 3 -4.28 -25.69 -2.43
CA SER A 3 -5.14 -24.80 -1.64
C SER A 3 -4.42 -23.55 -1.13
N ALA A 4 -5.21 -22.52 -0.81
CA ALA A 4 -4.68 -21.29 -0.18
C ALA A 4 -3.98 -21.59 1.14
N LYS A 5 -4.59 -22.47 1.93
CA LYS A 5 -4.07 -22.82 3.25
C LYS A 5 -2.70 -23.48 3.14
N ARG A 6 -2.47 -24.27 2.09
CA ARG A 6 -1.20 -24.95 1.92
C ARG A 6 -0.12 -24.05 1.32
N LEU A 7 -0.48 -22.82 0.97
CA LEU A 7 0.56 -21.85 0.62
C LEU A 7 1.45 -21.66 1.85
N PRO A 8 2.75 -21.44 1.63
CA PRO A 8 3.70 -21.29 2.74
C PRO A 8 3.31 -20.14 3.68
N SER A 9 3.40 -20.40 4.98
CA SER A 9 2.99 -19.41 5.95
C SER A 9 4.12 -18.44 6.24
N THR A 10 3.75 -17.27 6.75
CA THR A 10 4.69 -16.32 7.31
C THR A 10 4.14 -15.84 8.64
N ARG A 11 4.97 -15.21 9.46
CA ARG A 11 4.51 -14.61 10.70
C ARG A 11 3.47 -13.51 10.40
N LEU A 12 3.73 -12.72 9.37
CA LEU A 12 2.82 -11.63 9.02
C LEU A 12 1.47 -12.18 8.58
N GLY A 13 1.49 -13.14 7.68
CA GLY A 13 0.24 -13.71 7.20
C GLY A 13 -0.55 -14.37 8.32
N THR A 14 0.15 -15.08 9.19
CA THR A 14 -0.51 -15.76 10.30
C THR A 14 -1.10 -14.76 11.32
N PHE A 15 -0.38 -13.67 11.54
CA PHE A 15 -0.83 -12.60 12.44
C PHE A 15 -2.14 -12.02 11.91
N LEU A 16 -2.19 -11.76 10.61
CA LEU A 16 -3.36 -11.16 10.00
C LEU A 16 -4.56 -12.11 9.97
N GLU A 17 -4.34 -13.37 9.59
CA GLU A 17 -5.48 -14.27 9.43
C GLU A 17 -6.05 -14.63 10.80
N ASN A 18 -5.19 -14.75 11.81
CA ASN A 18 -5.66 -14.98 13.17
C ASN A 18 -6.52 -13.83 13.67
N ARG A 19 -6.07 -12.60 13.40
CA ARG A 19 -6.83 -11.43 13.80
C ARG A 19 -8.21 -11.47 13.13
N VAL A 20 -8.23 -11.77 11.84
CA VAL A 20 -9.49 -11.81 11.10
C VAL A 20 -10.41 -12.93 11.59
N ASN A 21 -9.87 -14.13 11.76
CA ASN A 21 -10.70 -15.24 12.20
C ASN A 21 -11.17 -15.12 13.65
N ASP A 22 -10.40 -14.44 14.50
CA ASP A 22 -10.85 -14.13 15.87
C ASP A 22 -12.07 -13.19 15.79
N PHE A 23 -11.94 -12.14 14.98
CA PHE A 23 -13.06 -11.23 14.74
C PHE A 23 -14.31 -11.96 14.25
N LEU A 24 -14.14 -12.83 13.26
CA LEU A 24 -15.27 -13.55 12.70
C LEU A 24 -15.93 -14.47 13.72
N ARG A 25 -15.12 -15.13 14.55
CA ARG A 25 -15.66 -15.99 15.61
C ARG A 25 -16.48 -15.18 16.61
N ARG A 26 -16.04 -13.97 16.91
CA ARG A 26 -16.78 -13.10 17.82
C ARG A 26 -18.15 -12.75 17.23
N GLN A 27 -18.22 -12.60 15.91
CA GLN A 27 -19.46 -12.19 15.25
C GLN A 27 -20.43 -13.34 15.21
N ASN A 28 -19.88 -14.55 15.17
CA ASN A 28 -20.65 -15.78 15.15
C ASN A 28 -21.73 -15.79 14.08
N HIS A 29 -21.36 -15.39 12.87
CA HIS A 29 -22.31 -15.42 11.76
C HIS A 29 -22.21 -16.76 11.03
N PRO A 30 -23.36 -17.44 10.84
CA PRO A 30 -23.34 -18.79 10.28
C PRO A 30 -22.89 -18.85 8.81
N GLU A 31 -22.75 -17.71 8.14
CA GLU A 31 -22.35 -17.68 6.72
C GLU A 31 -20.85 -17.48 6.52
N SER A 32 -20.14 -17.09 7.57
CA SER A 32 -18.72 -16.78 7.37
C SER A 32 -17.89 -18.05 7.23
N GLY A 33 -16.84 -17.97 6.41
CA GLY A 33 -15.94 -19.08 6.23
C GLY A 33 -14.57 -18.74 6.76
N GLU A 34 -13.72 -19.75 6.91
CA GLU A 34 -12.36 -19.53 7.39
C GLU A 34 -11.59 -18.63 6.44
N VAL A 35 -10.85 -17.67 7.00
CA VAL A 35 -10.05 -16.78 6.18
C VAL A 35 -8.57 -17.17 6.25
N THR A 36 -7.94 -17.15 5.08
CA THR A 36 -6.52 -17.43 4.98
C THR A 36 -5.84 -16.19 4.44
N VAL A 37 -4.73 -15.78 5.06
CA VAL A 37 -3.95 -14.66 4.57
C VAL A 37 -2.53 -15.13 4.30
N ARG A 38 -2.06 -14.93 3.08
CA ARG A 38 -0.73 -15.38 2.69
C ARG A 38 0.10 -14.26 2.06
N VAL A 39 1.31 -14.09 2.55
CA VAL A 39 2.31 -13.29 1.86
C VAL A 39 2.87 -14.16 0.72
N VAL A 40 2.76 -13.69 -0.51
CA VAL A 40 3.17 -14.53 -1.63
C VAL A 40 4.37 -13.96 -2.37
N HIS A 41 4.82 -12.80 -1.93
CA HIS A 41 6.03 -12.19 -2.48
C HIS A 41 6.72 -11.30 -1.45
N ALA A 42 8.04 -11.41 -1.38
CA ALA A 42 8.84 -10.49 -0.58
C ALA A 42 10.25 -10.37 -1.18
N SER A 43 10.64 -9.16 -1.56
CA SER A 43 11.95 -8.95 -2.15
C SER A 43 12.50 -7.57 -1.83
N ASP A 44 13.83 -7.45 -1.89
CA ASP A 44 14.48 -6.16 -1.70
C ASP A 44 14.47 -5.39 -3.01
N LYS A 45 14.11 -4.12 -2.91
CA LYS A 45 14.10 -3.24 -4.06
C LYS A 45 14.69 -1.89 -3.68
N THR A 46 14.85 -1.02 -4.65
CA THR A 46 15.24 0.37 -4.36
C THR A 46 14.38 1.32 -5.16
N VAL A 47 14.05 2.46 -4.57
CA VAL A 47 13.40 3.51 -5.35
C VAL A 47 14.44 4.58 -5.62
N GLU A 48 14.54 4.95 -6.88
CA GLU A 48 15.58 5.85 -7.36
C GLU A 48 15.01 7.25 -7.54
N VAL A 49 15.73 8.25 -7.05
CA VAL A 49 15.24 9.62 -7.13
C VAL A 49 15.30 10.07 -8.58
N LYS A 50 14.20 10.65 -9.04
CA LYS A 50 14.06 11.02 -10.43
C LYS A 50 14.95 12.21 -10.76
N PRO A 51 15.19 12.44 -12.06
CA PRO A 51 16.24 13.35 -12.56
C PRO A 51 16.20 14.73 -11.94
N GLY A 52 15.04 15.39 -11.96
CA GLY A 52 14.91 16.74 -11.43
C GLY A 52 15.37 16.86 -9.99
N MET A 53 14.81 16.02 -9.13
CA MET A 53 15.20 16.00 -7.71
C MET A 53 16.63 15.52 -7.51
N LYS A 54 17.09 14.63 -8.39
CA LYS A 54 18.47 14.16 -8.32
C LYS A 54 19.44 15.31 -8.54
N ALA A 55 19.17 16.12 -9.56
CA ALA A 55 20.04 17.25 -9.90
C ALA A 55 20.09 18.26 -8.76
N ARG A 56 18.92 18.57 -8.21
CA ARG A 56 18.77 19.60 -7.18
C ARG A 56 19.30 19.19 -5.81
N PHE A 57 19.06 17.94 -5.40
CA PHE A 57 19.41 17.56 -4.03
C PHE A 57 20.39 16.40 -3.93
N VAL A 58 20.39 15.52 -4.93
CA VAL A 58 21.23 14.33 -4.82
C VAL A 58 22.68 14.65 -5.16
N ASP A 59 22.88 15.31 -6.30
CA ASP A 59 24.24 15.63 -6.73
C ASP A 59 24.88 16.62 -5.78
N SER A 60 24.05 17.24 -4.94
CA SER A 60 24.50 18.21 -3.96
C SER A 60 25.00 17.55 -2.68
N GLY A 61 24.78 16.25 -2.57
CA GLY A 61 25.13 15.52 -1.36
C GLY A 61 24.09 15.65 -0.26
N GLU A 62 22.99 16.34 -0.57
CA GLU A 62 21.95 16.60 0.42
C GLU A 62 21.02 15.41 0.62
N MET A 63 20.86 14.59 -0.41
CA MET A 63 19.86 13.53 -0.38
C MET A 63 20.38 12.25 -1.02
N ALA A 64 20.02 11.11 -0.43
CA ALA A 64 20.42 9.82 -0.94
C ALA A 64 19.93 9.69 -2.38
N GLU A 65 20.68 8.97 -3.20
CA GLU A 65 20.29 8.86 -4.60
C GLU A 65 19.15 7.86 -4.76
N SER A 66 18.99 6.99 -3.77
CA SER A 66 17.93 5.98 -3.80
C SER A 66 17.65 5.45 -2.39
N PHE A 67 16.48 4.83 -2.22
CA PHE A 67 16.06 4.33 -0.92
C PHE A 67 15.68 2.87 -1.01
N PRO A 68 16.27 2.05 -0.12
CA PRO A 68 16.09 0.60 -0.09
C PRO A 68 14.79 0.24 0.61
N TYR A 69 14.01 -0.65 0.02
CA TYR A 69 12.81 -1.11 0.69
C TYR A 69 12.52 -2.57 0.39
N ARG A 70 11.65 -3.15 1.20
CA ARG A 70 11.17 -4.49 0.95
C ARG A 70 9.75 -4.34 0.43
N THR A 71 9.42 -4.98 -0.69
CA THR A 71 8.04 -5.03 -1.17
C THR A 71 7.44 -6.38 -0.77
N LYS A 72 6.20 -6.35 -0.32
CA LYS A 72 5.48 -7.57 0.01
C LYS A 72 4.14 -7.55 -0.66
N ALA A 73 3.72 -8.72 -1.15
CA ALA A 73 2.40 -8.87 -1.73
C ALA A 73 1.67 -9.88 -0.89
N LEU A 74 0.47 -9.53 -0.46
CA LEU A 74 -0.29 -10.48 0.33
C LEU A 74 -1.75 -10.52 -0.15
N PHE A 75 -2.36 -11.69 0.04
CA PHE A 75 -3.72 -11.93 -0.40
C PHE A 75 -4.51 -12.58 0.72
N ALA A 76 -5.78 -12.23 0.78
CA ALA A 76 -6.70 -12.88 1.70
C ALA A 76 -7.71 -13.69 0.91
N PHE A 77 -7.98 -14.88 1.42
CA PHE A 77 -8.89 -15.85 0.84
C PHE A 77 -9.97 -16.25 1.83
N GLU A 78 -11.18 -16.52 1.34
CA GLU A 78 -12.22 -17.06 2.18
C GLU A 78 -12.64 -18.39 1.60
N GLU A 79 -12.67 -19.41 2.45
CA GLU A 79 -13.09 -20.73 2.05
C GLU A 79 -14.56 -20.85 2.36
N ILE A 80 -15.33 -21.18 1.33
CA ILE A 80 -16.77 -21.18 1.49
C ILE A 80 -17.40 -22.35 0.73
N ASP A 81 -18.09 -23.20 1.48
CA ASP A 81 -18.57 -24.48 0.98
C ASP A 81 -17.43 -25.32 0.42
N GLY A 82 -16.27 -25.25 1.07
CA GLY A 82 -15.10 -26.03 0.68
C GLY A 82 -14.34 -25.52 -0.54
N VAL A 83 -14.62 -24.29 -0.96
CA VAL A 83 -14.02 -23.72 -2.16
C VAL A 83 -13.26 -22.44 -1.82
N ASP A 84 -12.06 -22.28 -2.37
CA ASP A 84 -11.25 -21.08 -2.11
C ASP A 84 -11.72 -19.88 -2.93
N LEU A 85 -11.76 -18.70 -2.32
CA LEU A 85 -12.05 -17.47 -3.04
C LEU A 85 -11.04 -16.41 -2.63
N CYS A 86 -10.27 -15.93 -3.58
CA CYS A 86 -9.38 -14.79 -3.31
C CYS A 86 -10.20 -13.52 -3.40
N PHE A 87 -10.25 -12.73 -2.32
CA PHE A 87 -11.15 -11.59 -2.31
C PHE A 87 -10.48 -10.26 -1.98
N PHE A 88 -9.21 -10.31 -1.58
CA PHE A 88 -8.48 -9.11 -1.20
C PHE A 88 -7.01 -9.27 -1.49
N GLY A 89 -6.40 -8.21 -2.01
CA GLY A 89 -4.96 -8.18 -2.23
C GLY A 89 -4.36 -6.82 -1.94
N MET A 90 -3.08 -6.81 -1.60
CA MET A 90 -2.39 -5.58 -1.21
C MET A 90 -0.89 -5.75 -1.43
N HIS A 91 -0.25 -4.70 -1.95
CA HIS A 91 1.20 -4.62 -2.03
C HIS A 91 1.68 -3.49 -1.18
N VAL A 92 2.74 -3.73 -0.40
CA VAL A 92 3.26 -2.68 0.47
C VAL A 92 4.76 -2.47 0.27
N GLN A 93 5.21 -1.26 0.60
CA GLN A 93 6.64 -0.92 0.59
C GLN A 93 7.08 -0.61 2.01
N GLU A 94 8.10 -1.30 2.49
CA GLU A 94 8.53 -1.18 3.86
C GLU A 94 9.98 -0.70 3.89
N TYR A 95 10.17 0.50 4.42
CA TYR A 95 11.48 1.13 4.48
C TYR A 95 12.05 0.97 5.88
N GLY A 96 13.16 0.25 5.99
CA GLY A 96 13.63 -0.22 7.28
C GLY A 96 14.43 0.80 8.07
N SER A 97 14.97 0.35 9.21
CA SER A 97 15.70 1.22 10.12
C SER A 97 17.04 1.66 9.52
N ASP A 98 17.58 0.85 8.60
CA ASP A 98 18.84 1.18 7.92
C ASP A 98 18.61 2.09 6.72
N CYS A 99 17.36 2.44 6.47
CA CYS A 99 17.06 3.29 5.33
C CYS A 99 17.38 4.72 5.69
N PRO A 100 17.91 5.48 4.73
CA PRO A 100 18.21 6.89 4.98
C PRO A 100 16.95 7.75 5.05
N PRO A 101 16.96 8.81 5.87
CA PRO A 101 15.85 9.78 5.79
C PRO A 101 15.71 10.32 4.38
N PRO A 102 14.51 10.80 4.03
CA PRO A 102 13.37 10.91 4.94
C PRO A 102 12.50 9.66 5.07
N ASN A 103 12.94 8.51 4.55
CA ASN A 103 12.10 7.31 4.46
C ASN A 103 12.22 6.32 5.61
N GLN A 104 13.15 6.50 6.53
CA GLN A 104 13.42 5.39 7.45
C GLN A 104 12.22 5.08 8.35
N ARG A 105 12.02 3.78 8.60
CA ARG A 105 10.94 3.24 9.45
C ARG A 105 9.54 3.65 8.98
N ARG A 106 9.36 3.77 7.67
CA ARG A 106 8.06 4.09 7.11
C ARG A 106 7.52 2.94 6.28
N VAL A 107 6.20 2.78 6.25
CA VAL A 107 5.58 1.85 5.35
C VAL A 107 4.60 2.59 4.46
N TYR A 108 4.50 2.15 3.22
CA TYR A 108 3.61 2.77 2.25
C TYR A 108 2.77 1.69 1.57
N ILE A 109 1.47 1.87 1.51
CA ILE A 109 0.67 0.94 0.74
C ILE A 109 0.75 1.34 -0.72
N SER A 110 1.31 0.47 -1.55
CA SER A 110 1.37 0.73 -2.98
C SER A 110 -0.06 0.74 -3.54
N TYR A 111 -0.78 -0.35 -3.30
CA TYR A 111 -2.14 -0.47 -3.76
C TYR A 111 -2.83 -1.64 -3.09
N LEU A 112 -4.16 -1.57 -3.09
CA LEU A 112 -4.98 -2.66 -2.58
C LEU A 112 -6.20 -2.78 -3.48
N ASP A 113 -6.81 -3.96 -3.48
CA ASP A 113 -7.90 -4.22 -4.40
C ASP A 113 -8.74 -5.31 -3.79
N SER A 114 -10.00 -5.39 -4.20
CA SER A 114 -10.88 -6.45 -3.74
C SER A 114 -11.90 -6.80 -4.80
N VAL A 115 -12.48 -7.98 -4.66
CA VAL A 115 -13.70 -8.30 -5.39
C VAL A 115 -14.77 -8.76 -4.39
N HIS A 116 -15.96 -8.19 -4.54
CA HIS A 116 -16.91 -8.06 -3.44
C HIS A 116 -17.71 -9.31 -3.07
N PHE A 117 -17.12 -10.49 -3.17
CA PHE A 117 -17.86 -11.72 -2.90
C PHE A 117 -17.72 -12.30 -1.49
N PHE A 118 -17.11 -11.55 -0.58
CA PHE A 118 -17.00 -12.07 0.80
C PHE A 118 -18.37 -12.42 1.38
N ARG A 119 -18.46 -13.56 2.06
CA ARG A 119 -19.71 -13.96 2.68
C ARG A 119 -19.57 -14.08 4.19
N PRO A 120 -20.50 -13.48 4.95
CA PRO A 120 -21.65 -12.68 4.52
C PRO A 120 -21.28 -11.26 4.08
N LYS A 121 -22.08 -10.69 3.19
CA LYS A 121 -21.98 -9.30 2.76
C LYS A 121 -21.78 -8.32 3.90
N CYS A 122 -22.54 -8.49 4.99
CA CYS A 122 -22.55 -7.50 6.05
C CYS A 122 -21.23 -7.42 6.83
N LEU A 123 -20.32 -8.36 6.60
CA LEU A 123 -19.04 -8.35 7.30
C LEU A 123 -17.85 -8.02 6.39
N ARG A 124 -18.12 -7.83 5.12
CA ARG A 124 -17.04 -7.60 4.13
C ARG A 124 -16.15 -6.39 4.49
N THR A 125 -16.76 -5.22 4.68
CA THR A 125 -15.99 -4.01 4.96
C THR A 125 -15.25 -4.16 6.28
N ALA A 126 -15.93 -4.73 7.28
CA ALA A 126 -15.29 -4.94 8.58
C ALA A 126 -14.05 -5.83 8.43
N VAL A 127 -14.14 -6.87 7.61
CA VAL A 127 -13.00 -7.75 7.38
C VAL A 127 -11.84 -6.99 6.69
N TYR A 128 -12.15 -6.20 5.67
CA TYR A 128 -11.10 -5.36 5.04
C TYR A 128 -10.39 -4.53 6.10
N HIS A 129 -11.16 -3.88 6.97
CA HIS A 129 -10.55 -3.02 7.96
C HIS A 129 -9.72 -3.81 8.97
N GLU A 130 -10.15 -5.02 9.34
CA GLU A 130 -9.37 -5.83 10.28
C GLU A 130 -8.02 -6.23 9.68
N ILE A 131 -7.99 -6.45 8.39
CA ILE A 131 -6.73 -6.75 7.70
C ILE A 131 -5.79 -5.55 7.74
N LEU A 132 -6.32 -4.36 7.45
CA LEU A 132 -5.50 -3.16 7.39
C LEU A 132 -5.04 -2.74 8.79
N ILE A 133 -5.92 -2.85 9.75
CA ILE A 133 -5.57 -2.53 11.13
C ILE A 133 -4.55 -3.53 11.65
N GLY A 134 -4.73 -4.79 11.31
CA GLY A 134 -3.78 -5.82 11.72
C GLY A 134 -2.40 -5.56 11.14
N TYR A 135 -2.36 -5.11 9.88
CA TYR A 135 -1.10 -4.78 9.24
C TYR A 135 -0.38 -3.64 9.97
N LEU A 136 -1.12 -2.58 10.28
CA LEU A 136 -0.53 -1.44 10.98
C LEU A 136 -0.04 -1.86 12.37
N GLU A 137 -0.86 -2.65 13.06
CA GLU A 137 -0.50 -3.27 14.35
C GLU A 137 0.83 -4.03 14.25
N TYR A 138 0.96 -4.83 13.19
CA TYR A 138 2.14 -5.66 13.01
C TYR A 138 3.41 -4.86 12.78
N VAL A 139 3.37 -3.91 11.85
CA VAL A 139 4.60 -3.18 11.55
C VAL A 139 4.97 -2.27 12.71
N LYS A 140 3.97 -1.81 13.46
CA LYS A 140 4.21 -1.02 14.67
C LYS A 140 5.02 -1.88 15.64
N LYS A 141 4.57 -3.11 15.81
CA LYS A 141 5.25 -4.10 16.64
C LYS A 141 6.73 -4.23 16.24
N LEU A 142 7.01 -4.22 14.93
CA LEU A 142 8.38 -4.40 14.45
C LEU A 142 9.25 -3.15 14.61
N GLY A 143 8.64 -1.98 14.77
CA GLY A 143 9.38 -0.74 14.93
C GLY A 143 9.28 0.26 13.79
N TYR A 144 8.37 0.03 12.86
CA TYR A 144 8.06 1.08 11.88
C TYR A 144 7.22 2.16 12.55
N THR A 145 7.54 3.43 12.29
CA THR A 145 6.94 4.52 13.05
C THR A 145 5.74 5.15 12.38
N THR A 146 5.67 5.04 11.05
CA THR A 146 4.75 5.83 10.26
C THR A 146 4.21 5.06 9.03
N GLY A 147 2.91 5.16 8.80
CA GLY A 147 2.27 4.57 7.65
C GLY A 147 1.77 5.65 6.72
N HIS A 148 1.76 5.35 5.43
CA HIS A 148 1.39 6.32 4.42
C HIS A 148 0.36 5.72 3.46
N ILE A 149 -0.74 6.44 3.24
CA ILE A 149 -1.79 5.98 2.33
C ILE A 149 -2.22 7.07 1.36
N TRP A 150 -2.25 6.71 0.08
CA TRP A 150 -2.78 7.54 -1.00
C TRP A 150 -4.19 7.02 -1.32
N ALA A 151 -5.22 7.75 -0.92
CA ALA A 151 -6.59 7.26 -1.12
C ALA A 151 -7.06 7.51 -2.55
N CYS A 152 -6.46 6.79 -3.49
CA CYS A 152 -6.74 7.01 -4.91
C CYS A 152 -7.58 5.90 -5.54
N PRO A 153 -8.87 6.18 -5.80
CA PRO A 153 -9.66 5.17 -6.50
C PRO A 153 -9.19 5.00 -7.94
N PRO A 154 -9.33 3.77 -8.49
CA PRO A 154 -8.90 3.48 -9.86
C PRO A 154 -9.80 4.15 -10.88
N SER A 155 -9.22 4.51 -12.03
CA SER A 155 -9.99 5.12 -13.10
C SER A 155 -10.85 4.05 -13.76
N GLU A 156 -11.87 4.48 -14.50
CA GLU A 156 -12.75 3.56 -15.21
C GLU A 156 -11.93 2.51 -15.97
N GLY A 157 -12.40 1.27 -15.94
CA GLY A 157 -11.78 0.21 -16.72
C GLY A 157 -10.36 -0.10 -16.30
N ASP A 158 -9.96 0.41 -15.14
CA ASP A 158 -8.66 0.10 -14.57
C ASP A 158 -8.85 -0.88 -13.42
N ASP A 159 -8.04 -1.94 -13.42
CA ASP A 159 -8.00 -2.91 -12.33
C ASP A 159 -6.67 -2.76 -11.59
N TYR A 160 -6.69 -2.57 -10.28
CA TYR A 160 -5.41 -2.46 -9.58
C TYR A 160 -4.69 -3.79 -9.55
N ILE A 161 -5.36 -4.83 -9.09
CA ILE A 161 -4.74 -6.14 -8.89
C ILE A 161 -5.49 -7.29 -9.59
N PHE A 162 -6.82 -7.30 -9.44
CA PHE A 162 -7.66 -8.37 -9.98
C PHE A 162 -8.23 -8.03 -11.35
N HIS A 163 -7.90 -8.85 -12.33
CA HIS A 163 -8.40 -8.66 -13.69
C HIS A 163 -9.92 -8.84 -13.83
N CYS A 164 -10.61 -7.84 -14.37
CA CYS A 164 -12.05 -7.91 -14.66
CA CYS A 164 -12.05 -7.88 -14.65
C CYS A 164 -12.92 -8.02 -13.40
N HIS A 165 -13.20 -6.90 -12.77
CA HIS A 165 -14.06 -6.87 -11.59
C HIS A 165 -15.49 -7.12 -12.00
N PRO A 166 -16.34 -7.45 -11.03
CA PRO A 166 -17.77 -7.56 -11.34
C PRO A 166 -18.29 -6.23 -11.86
N PRO A 167 -19.04 -6.28 -12.96
CA PRO A 167 -19.70 -5.09 -13.49
C PRO A 167 -20.49 -4.32 -12.43
N ASP A 168 -21.08 -5.00 -11.46
CA ASP A 168 -21.91 -4.28 -10.51
C ASP A 168 -21.15 -3.95 -9.24
N GLN A 169 -19.83 -4.20 -9.22
CA GLN A 169 -19.03 -3.72 -8.08
C GLN A 169 -18.68 -2.25 -8.29
N LYS A 170 -19.38 -1.37 -7.56
CA LYS A 170 -19.17 0.08 -7.72
C LYS A 170 -17.77 0.52 -7.26
N ILE A 171 -17.22 1.52 -7.93
CA ILE A 171 -15.96 2.14 -7.53
CA ILE A 171 -15.97 2.13 -7.51
C ILE A 171 -16.25 3.38 -6.68
N PRO A 172 -15.70 3.43 -5.46
CA PRO A 172 -15.98 4.59 -4.61
C PRO A 172 -15.42 5.87 -5.19
N LYS A 173 -16.10 6.97 -4.98
CA LYS A 173 -15.55 8.26 -5.34
C LYS A 173 -14.50 8.60 -4.29
N PRO A 174 -13.64 9.58 -4.58
CA PRO A 174 -12.62 10.04 -3.65
C PRO A 174 -13.14 10.28 -2.24
N LYS A 175 -14.21 11.05 -2.08
CA LYS A 175 -14.72 11.34 -0.75
C LYS A 175 -15.11 10.07 0.01
N ARG A 176 -15.80 9.15 -0.66
CA ARG A 176 -16.20 7.88 -0.05
C ARG A 176 -15.00 7.03 0.39
N LEU A 177 -13.99 6.93 -0.48
CA LEU A 177 -12.78 6.19 -0.18
C LEU A 177 -12.00 6.86 0.96
N GLN A 178 -11.96 8.19 0.94
CA GLN A 178 -11.34 8.92 2.04
C GLN A 178 -12.00 8.57 3.37
N GLU A 179 -13.33 8.61 3.41
CA GLU A 179 -14.07 8.32 4.63
C GLU A 179 -13.88 6.87 5.09
N TRP A 180 -13.73 5.99 4.11
CA TRP A 180 -13.48 4.57 4.34
C TRP A 180 -12.18 4.36 5.11
N PHE A 181 -11.08 4.94 4.62
CA PHE A 181 -9.81 4.93 5.36
C PHE A 181 -9.91 5.62 6.72
N LYS A 182 -10.66 6.71 6.81
CA LYS A 182 -10.84 7.36 8.12
C LYS A 182 -11.56 6.43 9.11
N LYS A 183 -12.58 5.71 8.67
CA LYS A 183 -13.29 4.80 9.56
C LYS A 183 -12.36 3.69 10.07
N MET A 184 -11.49 3.20 9.18
CA MET A 184 -10.51 2.16 9.54
C MET A 184 -9.51 2.71 10.56
N LEU A 185 -8.98 3.89 10.26
CA LEU A 185 -7.99 4.52 11.12
C LEU A 185 -8.59 4.90 12.46
N ASP A 186 -9.84 5.37 12.48
CA ASP A 186 -10.47 5.72 13.74
C ASP A 186 -10.57 4.50 14.67
N LYS A 187 -10.81 3.32 14.09
CA LYS A 187 -10.87 2.10 14.88
C LYS A 187 -9.49 1.75 15.40
N ALA A 188 -8.48 1.95 14.56
CA ALA A 188 -7.11 1.70 14.96
C ALA A 188 -6.70 2.65 16.07
N VAL A 189 -7.14 3.89 15.99
CA VAL A 189 -6.90 4.85 17.07
C VAL A 189 -7.55 4.38 18.38
N SER A 190 -8.82 3.99 18.33
CA SER A 190 -9.54 3.52 19.52
CA SER A 190 -9.54 3.51 19.51
C SER A 190 -8.84 2.34 20.19
N GLU A 191 -8.15 1.52 19.38
CA GLU A 191 -7.43 0.35 19.91
C GLU A 191 -5.96 0.67 20.33
N ARG A 192 -5.60 1.94 20.27
CA ARG A 192 -4.25 2.42 20.63
C ARG A 192 -3.16 1.81 19.74
N ILE A 193 -3.56 1.41 18.53
CA ILE A 193 -2.58 1.00 17.53
C ILE A 193 -2.02 2.25 16.88
N VAL A 194 -2.91 3.09 16.36
CA VAL A 194 -2.52 4.35 15.75
C VAL A 194 -2.53 5.45 16.81
N HIS A 195 -1.45 6.22 16.89
CA HIS A 195 -1.40 7.33 17.83
C HIS A 195 -2.34 8.44 17.35
N ASP A 196 -2.14 8.86 16.12
CA ASP A 196 -3.01 9.83 15.47
C ASP A 196 -2.71 9.83 13.98
N TYR A 197 -3.52 10.52 13.19
CA TYR A 197 -3.23 10.62 11.76
C TYR A 197 -3.64 11.98 11.25
N LYS A 198 -2.98 12.44 10.20
CA LYS A 198 -3.19 13.77 9.65
C LYS A 198 -3.16 13.73 8.13
N ASP A 199 -3.73 14.74 7.47
CA ASP A 199 -3.52 14.87 6.04
C ASP A 199 -2.10 15.38 5.81
N ILE A 200 -1.61 15.23 4.58
CA ILE A 200 -0.18 15.45 4.30
C ILE A 200 0.21 16.92 4.57
N PHE A 201 -0.68 17.84 4.25
CA PHE A 201 -0.42 19.27 4.43
C PHE A 201 -0.29 19.64 5.93
N LYS A 202 -1.20 19.15 6.76
CA LYS A 202 -1.13 19.42 8.20
C LYS A 202 0.11 18.79 8.82
N GLN A 203 0.45 17.58 8.37
CA GLN A 203 1.64 16.91 8.84
C GLN A 203 2.90 17.68 8.45
N ALA A 204 2.99 18.10 7.19
CA ALA A 204 4.18 18.82 6.74
C ALA A 204 4.34 20.09 7.54
N THR A 205 3.24 20.81 7.66
CA THR A 205 3.19 22.04 8.41
C THR A 205 3.68 21.88 9.86
N GLU A 206 3.21 20.83 10.54
CA GLU A 206 3.59 20.61 11.93
C GLU A 206 5.03 20.15 12.07
N ASP A 207 5.46 19.26 11.17
CA ASP A 207 6.84 18.79 11.17
C ASP A 207 7.83 19.90 10.79
N ARG A 208 7.32 21.09 10.50
CA ARG A 208 8.17 22.20 10.07
C ARG A 208 9.01 21.88 8.84
N LEU A 209 8.43 21.17 7.87
CA LEU A 209 9.13 20.85 6.64
C LEU A 209 9.43 22.12 5.84
N THR A 210 10.69 22.26 5.41
CA THR A 210 11.13 23.45 4.68
C THR A 210 11.64 23.15 3.28
N SER A 211 11.96 21.89 3.02
CA SER A 211 12.57 21.49 1.76
C SER A 211 11.99 20.19 1.23
N ALA A 212 11.77 20.13 -0.08
CA ALA A 212 11.24 18.95 -0.77
C ALA A 212 12.03 17.68 -0.43
N LYS A 213 13.30 17.86 -0.07
CA LYS A 213 14.16 16.71 0.22
C LYS A 213 13.72 16.02 1.51
N GLU A 214 12.83 16.67 2.25
CA GLU A 214 12.38 16.11 3.53
C GLU A 214 11.11 15.26 3.40
N LEU A 215 10.49 15.27 2.21
CA LEU A 215 9.23 14.57 1.99
C LEU A 215 9.52 13.12 1.64
N PRO A 216 8.85 12.17 2.34
CA PRO A 216 9.12 10.76 2.03
C PRO A 216 8.86 10.46 0.55
N TYR A 217 9.73 9.64 -0.01
CA TYR A 217 9.87 9.47 -1.46
C TYR A 217 9.67 8.00 -1.83
N PHE A 218 8.45 7.62 -2.23
CA PHE A 218 8.13 6.20 -2.43
C PHE A 218 7.97 5.83 -3.90
N GLU A 219 8.19 4.56 -4.21
CA GLU A 219 8.05 4.06 -5.57
C GLU A 219 6.62 4.21 -6.12
N GLY A 220 6.48 4.92 -7.23
CA GLY A 220 5.19 5.08 -7.90
C GLY A 220 4.21 6.00 -7.22
N ASP A 221 4.64 6.69 -6.18
CA ASP A 221 3.72 7.56 -5.42
C ASP A 221 3.50 8.88 -6.16
N PHE A 222 2.43 9.56 -5.78
CA PHE A 222 2.06 10.85 -6.34
C PHE A 222 3.18 11.88 -6.26
N TRP A 223 3.88 11.92 -5.14
CA TRP A 223 4.69 13.10 -4.83
C TRP A 223 6.01 13.18 -5.62
N PRO A 224 6.68 12.04 -5.86
CA PRO A 224 7.86 12.10 -6.75
C PRO A 224 7.55 12.68 -8.11
N ASN A 225 6.39 12.36 -8.67
CA ASN A 225 5.96 12.94 -9.95
C ASN A 225 5.57 14.42 -9.85
N VAL A 226 4.91 14.79 -8.75
CA VAL A 226 4.60 16.21 -8.50
C VAL A 226 5.89 17.04 -8.45
N LEU A 227 6.93 16.50 -7.80
CA LEU A 227 8.19 17.20 -7.66
C LEU A 227 8.94 17.32 -9.00
N GLU A 228 8.91 16.29 -9.83
CA GLU A 228 9.49 16.39 -11.16
C GLU A 228 8.76 17.44 -11.98
N GLU A 229 7.44 17.41 -11.93
CA GLU A 229 6.60 18.34 -12.68
C GLU A 229 6.84 19.76 -12.19
N SER A 230 6.91 19.92 -10.86
CA SER A 230 7.20 21.21 -10.23
C SER A 230 8.53 21.79 -10.67
N ILE A 231 9.57 20.96 -10.63
CA ILE A 231 10.93 21.38 -10.99
C ILE A 231 11.02 21.78 -12.46
N LYS A 232 10.25 21.13 -13.32
CA LYS A 232 10.19 21.56 -14.71
C LYS A 232 9.41 22.87 -14.84
N GLU A 233 8.47 23.09 -13.93
CA GLU A 233 7.76 24.37 -13.87
C GLU A 233 8.71 25.50 -13.51
N LEU A 234 9.57 25.26 -12.54
CA LEU A 234 10.59 26.22 -12.16
C LEU A 234 11.55 26.46 -13.33
N GLU A 235 11.88 25.40 -14.06
CA GLU A 235 12.77 25.50 -15.21
C GLU A 235 12.18 26.38 -16.31
N GLN A 236 10.87 26.23 -16.57
CA GLN A 236 10.17 27.05 -17.54
C GLN A 236 10.13 28.52 -17.12
N GLU A 237 9.91 28.73 -15.83
CA GLU A 237 9.84 30.08 -15.27
C GLU A 237 11.19 30.77 -15.37
N GLU A 238 12.26 30.03 -15.12
CA GLU A 238 13.62 30.53 -15.32
C GLU A 238 13.84 30.89 -16.79
N GLU A 239 13.29 30.10 -17.70
CA GLU A 239 13.44 30.34 -19.13
C GLU A 239 12.86 31.70 -19.52
N GLU A 240 11.65 31.98 -19.04
CA GLU A 240 10.97 33.20 -19.38
C GLU A 240 11.69 34.40 -18.77
N ARG A 241 12.28 34.20 -17.60
CA ARG A 241 13.08 35.26 -17.00
C ARG A 241 14.30 35.57 -17.86
N LYS A 242 14.96 34.52 -18.33
CA LYS A 242 16.10 34.68 -19.23
C LYS A 242 15.67 35.38 -20.51
N ARG A 243 14.50 35.03 -21.02
CA ARG A 243 13.98 35.68 -22.21
C ARG A 243 13.81 37.17 -21.94
N GLU A 244 13.47 37.49 -20.69
CA GLU A 244 13.18 38.86 -20.29
C GLU A 244 14.44 39.70 -20.24
N GLU A 245 15.54 39.06 -19.86
CA GLU A 245 16.86 39.68 -19.80
C GLU A 245 17.60 39.60 -21.14
N ASN A 246 17.02 38.86 -22.08
CA ASN A 246 17.63 38.56 -23.38
C ASN A 246 18.83 37.62 -23.26
N THR A 247 18.73 36.61 -22.40
CA THR A 247 19.73 35.54 -22.32
C THR A 247 19.12 34.18 -22.71
N SER A 248 17.99 34.24 -23.42
CA SER A 248 17.33 33.04 -23.93
C SER A 248 17.64 32.81 -25.41
N ASP A 293 9.42 29.20 -6.17
CA ASP A 293 10.18 28.38 -5.23
C ASP A 293 9.60 26.95 -5.15
N LEU A 294 10.47 25.98 -4.90
CA LEU A 294 10.08 24.57 -4.91
C LEU A 294 9.23 24.22 -3.70
N SER A 295 9.63 24.74 -2.54
CA SER A 295 8.90 24.49 -1.31
C SER A 295 7.53 25.15 -1.34
N GLN A 296 7.44 26.31 -2.00
CA GLN A 296 6.18 27.00 -2.21
C GLN A 296 5.22 26.17 -3.06
N LYS A 297 5.75 25.62 -4.15
CA LYS A 297 4.94 24.79 -5.04
C LYS A 297 4.41 23.54 -4.34
N LEU A 298 5.32 22.85 -3.63
CA LEU A 298 4.98 21.62 -2.91
C LEU A 298 3.90 21.84 -1.84
N TYR A 299 4.00 22.94 -1.09
CA TYR A 299 3.00 23.25 -0.07
C TYR A 299 1.65 23.62 -0.67
N ALA A 300 1.67 24.37 -1.77
CA ALA A 300 0.46 24.67 -2.53
C ALA A 300 -0.23 23.39 -3.00
N THR A 301 0.54 22.46 -3.54
CA THR A 301 -0.03 21.24 -4.10
C THR A 301 -0.50 20.31 -2.99
N MET A 302 0.27 20.25 -1.91
CA MET A 302 -0.14 19.49 -0.73
C MET A 302 -1.46 20.00 -0.17
N GLU A 303 -1.61 21.32 -0.08
CA GLU A 303 -2.85 21.87 0.49
C GLU A 303 -4.01 21.55 -0.45
N LYS A 304 -3.76 21.57 -1.75
CA LYS A 304 -4.82 21.37 -2.74
C LYS A 304 -5.41 19.97 -2.66
N HIS A 305 -4.54 18.99 -2.45
CA HIS A 305 -4.92 17.59 -2.46
C HIS A 305 -4.79 16.92 -1.09
N LYS A 306 -4.85 17.72 -0.02
CA LYS A 306 -4.50 17.20 1.29
C LYS A 306 -5.42 16.04 1.70
N GLU A 307 -6.71 16.13 1.38
CA GLU A 307 -7.69 15.13 1.83
C GLU A 307 -7.40 13.71 1.33
N VAL A 308 -6.55 13.61 0.33
CA VAL A 308 -6.34 12.39 -0.43
C VAL A 308 -5.17 11.59 0.16
N PHE A 309 -4.37 12.26 0.99
CA PHE A 309 -3.13 11.69 1.50
C PHE A 309 -3.05 11.64 3.02
N PHE A 310 -2.99 10.42 3.54
CA PHE A 310 -2.95 10.17 4.97
C PHE A 310 -1.54 9.86 5.46
N VAL A 311 -1.13 10.57 6.51
CA VAL A 311 0.08 10.22 7.24
C VAL A 311 -0.33 9.67 8.60
N ILE A 312 0.09 8.45 8.89
CA ILE A 312 -0.43 7.70 10.03
C ILE A 312 0.67 7.45 11.05
N ARG A 313 0.57 8.06 12.22
CA ARG A 313 1.66 7.94 13.18
C ARG A 313 1.40 6.75 14.11
N LEU A 314 2.25 5.73 14.02
CA LEU A 314 2.14 4.51 14.82
C LEU A 314 2.86 4.70 16.13
N ILE A 315 4.02 5.31 16.03
CA ILE A 315 4.91 5.58 17.15
C ILE A 315 5.28 7.04 17.11
N ALA A 316 4.84 7.82 18.10
CA ALA A 316 5.07 9.25 18.08
C ALA A 316 5.98 9.69 19.21
N GLY A 317 6.51 10.90 19.07
CA GLY A 317 7.29 11.53 20.13
C GLY A 317 8.57 10.82 20.50
N PRO A 318 8.64 10.34 21.75
CA PRO A 318 9.89 9.86 22.33
C PRO A 318 10.23 8.45 21.92
N ALA A 319 9.37 7.50 22.30
CA ALA A 319 9.55 6.08 22.02
C ALA A 319 10.06 5.81 20.60
N ALA A 320 9.83 6.76 19.71
CA ALA A 320 10.22 6.61 18.30
C ALA A 320 11.70 6.84 18.11
N ASN A 321 12.34 7.53 19.05
CA ASN A 321 13.71 7.97 18.84
C ASN A 321 14.76 7.01 19.36
N SER A 322 14.40 6.15 20.31
CA SER A 322 15.35 5.18 20.86
C SER A 322 14.91 3.76 20.56
N LEU A 323 14.59 3.49 19.30
CA LEU A 323 14.13 2.18 18.89
C LEU A 323 15.28 1.30 18.45
N PRO A 324 15.18 -0.01 18.72
CA PRO A 324 16.22 -0.91 18.22
C PRO A 324 16.10 -1.05 16.72
N PRO A 325 17.08 -1.72 16.09
CA PRO A 325 16.93 -2.04 14.66
C PRO A 325 15.68 -2.90 14.37
N ILE A 326 15.05 -2.63 13.24
CA ILE A 326 13.95 -3.48 12.79
C ILE A 326 14.49 -4.81 12.29
N VAL A 327 14.02 -5.91 12.86
CA VAL A 327 14.40 -7.19 12.34
C VAL A 327 13.15 -7.98 11.97
N ASP A 328 12.96 -8.15 10.66
CA ASP A 328 11.84 -8.90 10.12
C ASP A 328 12.16 -10.39 10.14
N PRO A 329 11.39 -11.17 10.91
CA PRO A 329 11.60 -12.61 11.10
C PRO A 329 11.15 -13.47 9.92
N ASP A 330 10.55 -12.87 8.90
CA ASP A 330 10.14 -13.62 7.73
C ASP A 330 11.18 -13.55 6.62
N PRO A 331 11.41 -14.69 5.94
CA PRO A 331 12.36 -14.75 4.83
C PRO A 331 11.83 -14.05 3.59
N LEU A 332 12.73 -13.67 2.70
CA LEU A 332 12.36 -13.19 1.39
C LEU A 332 11.61 -14.31 0.65
N ILE A 333 10.65 -13.92 -0.17
CA ILE A 333 9.87 -14.88 -0.94
C ILE A 333 9.90 -14.47 -2.40
N PRO A 334 10.85 -15.04 -3.16
CA PRO A 334 10.88 -14.66 -4.56
C PRO A 334 9.68 -15.26 -5.27
N CYS A 335 9.04 -14.44 -6.09
CA CYS A 335 7.90 -14.89 -6.87
C CYS A 335 7.68 -13.80 -7.89
N ASP A 336 8.22 -14.04 -9.07
CA ASP A 336 8.16 -13.08 -10.17
C ASP A 336 6.72 -12.70 -10.50
N LEU A 337 5.80 -13.65 -10.34
CA LEU A 337 4.39 -13.40 -10.63
C LEU A 337 3.86 -12.23 -9.79
N MET A 338 4.38 -12.09 -8.58
CA MET A 338 3.81 -11.12 -7.64
C MET A 338 4.74 -9.98 -7.23
N ASP A 339 5.74 -9.68 -8.06
CA ASP A 339 6.57 -8.48 -7.85
C ASP A 339 5.86 -7.27 -8.46
N GLY A 340 5.09 -6.54 -7.66
CA GLY A 340 4.27 -5.47 -8.19
C GLY A 340 3.06 -6.07 -8.88
N ARG A 341 2.15 -5.24 -9.35
CA ARG A 341 0.86 -5.75 -9.82
C ARG A 341 0.82 -6.21 -11.28
N ASP A 342 1.75 -5.75 -12.11
CA ASP A 342 1.65 -5.96 -13.55
C ASP A 342 1.62 -7.43 -13.97
N ALA A 343 2.47 -8.24 -13.35
CA ALA A 343 2.64 -9.64 -13.76
C ALA A 343 1.37 -10.47 -13.62
N PHE A 344 0.65 -10.28 -12.52
CA PHE A 344 -0.56 -11.07 -12.30
C PHE A 344 -1.68 -10.60 -13.23
N LEU A 345 -1.77 -9.29 -13.46
CA LEU A 345 -2.77 -8.79 -14.42
C LEU A 345 -2.50 -9.39 -15.81
N THR A 346 -1.24 -9.38 -16.21
CA THR A 346 -0.84 -10.00 -17.47
C THR A 346 -1.19 -11.50 -17.52
N LEU A 347 -0.85 -12.24 -16.47
CA LEU A 347 -1.21 -13.64 -16.39
C LEU A 347 -2.71 -13.84 -16.57
N ALA A 348 -3.50 -13.04 -15.86
CA ALA A 348 -4.97 -13.13 -15.91
C ALA A 348 -5.46 -12.87 -17.32
N ARG A 349 -4.96 -11.80 -17.92
CA ARG A 349 -5.27 -11.49 -19.32
C ARG A 349 -4.99 -12.66 -20.25
N ASP A 350 -3.78 -13.17 -20.17
CA ASP A 350 -3.32 -14.23 -21.06
C ASP A 350 -4.15 -15.52 -20.91
N LYS A 351 -4.52 -15.87 -19.68
CA LYS A 351 -5.23 -17.12 -19.42
C LYS A 351 -6.71 -16.90 -19.20
N HIS A 352 -7.13 -15.65 -19.30
CA HIS A 352 -8.53 -15.28 -19.18
C HIS A 352 -9.10 -15.48 -17.77
N LEU A 353 -8.35 -15.08 -16.76
CA LEU A 353 -8.79 -15.21 -15.37
C LEU A 353 -9.59 -13.99 -14.93
N GLU A 354 -10.92 -14.07 -15.04
CA GLU A 354 -11.78 -12.98 -14.59
C GLU A 354 -12.21 -13.18 -13.15
N PHE A 355 -12.45 -12.06 -12.46
CA PHE A 355 -13.01 -12.06 -11.11
C PHE A 355 -14.35 -11.34 -11.13
N SER A 356 -15.13 -11.63 -12.17
CA SER A 356 -16.34 -10.87 -12.48
C SER A 356 -17.65 -11.48 -11.98
N SER A 357 -17.58 -12.69 -11.45
CA SER A 357 -18.71 -13.32 -10.76
C SER A 357 -18.15 -14.23 -9.68
N LEU A 358 -18.97 -14.69 -8.74
CA LEU A 358 -18.43 -15.51 -7.66
C LEU A 358 -17.77 -16.76 -8.22
N ARG A 359 -18.46 -17.42 -9.15
CA ARG A 359 -17.96 -18.67 -9.69
C ARG A 359 -16.72 -18.45 -10.56
N ARG A 360 -16.73 -17.39 -11.37
CA ARG A 360 -15.55 -17.04 -12.16
C ARG A 360 -14.34 -16.73 -11.26
N ALA A 361 -14.58 -16.00 -10.17
CA ALA A 361 -13.50 -15.61 -9.26
C ALA A 361 -12.91 -16.83 -8.54
N GLN A 362 -13.76 -17.78 -8.17
CA GLN A 362 -13.31 -19.01 -7.55
C GLN A 362 -12.44 -19.84 -8.50
N TRP A 363 -12.85 -19.94 -9.77
CA TRP A 363 -12.04 -20.65 -10.75
C TRP A 363 -10.70 -19.95 -10.98
N SER A 364 -10.75 -18.62 -11.14
CA SER A 364 -9.50 -17.86 -11.28
C SER A 364 -8.61 -18.01 -10.05
N THR A 365 -9.23 -18.11 -8.87
CA THR A 365 -8.49 -18.32 -7.64
C THR A 365 -7.73 -19.66 -7.68
N MET A 366 -8.39 -20.71 -8.18
CA MET A 366 -7.71 -21.99 -8.36
C MET A 366 -6.50 -21.87 -9.27
N CYS A 367 -6.67 -21.21 -10.40
CA CYS A 367 -5.61 -21.05 -11.40
C CYS A 367 -4.46 -20.23 -10.84
N MET A 368 -4.81 -19.19 -10.10
CA MET A 368 -3.85 -18.38 -9.37
C MET A 368 -3.05 -19.23 -8.36
N LEU A 369 -3.76 -20.01 -7.54
CA LEU A 369 -3.10 -20.83 -6.53
C LEU A 369 -2.25 -21.92 -7.17
N VAL A 370 -2.70 -22.45 -8.30
CA VAL A 370 -1.89 -23.44 -9.01
C VAL A 370 -0.58 -22.80 -9.50
N GLU A 371 -0.69 -21.64 -10.14
CA GLU A 371 0.49 -20.91 -10.59
C GLU A 371 1.46 -20.61 -9.44
N LEU A 372 0.94 -20.13 -8.30
CA LEU A 372 1.80 -19.84 -7.15
C LEU A 372 2.46 -21.08 -6.59
N HIS A 373 1.71 -22.17 -6.48
CA HIS A 373 2.29 -23.40 -5.94
C HIS A 373 3.38 -23.92 -6.89
N THR A 374 3.13 -23.91 -8.20
CA THR A 374 4.09 -24.46 -9.15
C THR A 374 5.33 -23.56 -9.33
N GLN A 375 5.15 -22.24 -9.34
CA GLN A 375 6.30 -21.34 -9.40
C GLN A 375 7.20 -21.55 -8.19
N SER A 376 6.57 -21.81 -7.04
CA SER A 376 7.33 -22.05 -5.82
C SER A 376 8.10 -23.37 -5.91
N GLN A 377 7.39 -24.47 -6.15
CA GLN A 377 8.03 -25.79 -6.21
C GLN A 377 8.73 -25.97 -7.56
N ASP A 378 9.45 -27.09 -7.72
CA ASP A 378 10.16 -27.37 -8.96
C ASP A 378 10.84 -28.74 -8.91
N1A ACO B . -21.78 5.26 -5.57
C2A ACO B . -22.71 4.74 -4.73
N3A ACO B . -22.38 3.74 -3.88
C4A ACO B . -21.12 3.23 -3.87
C5A ACO B . -20.14 3.73 -4.71
C6A ACO B . -20.52 4.78 -5.59
N6A ACO B . -19.55 5.35 -6.49
N7A ACO B . -18.97 3.05 -4.47
C8A ACO B . -19.22 2.14 -3.50
N9A ACO B . -20.50 2.25 -3.14
C1B ACO B . -21.18 1.46 -2.11
C2B ACO B . -21.03 -0.02 -2.32
O2B ACO B . -21.93 -0.42 -3.30
C3B ACO B . -21.29 -0.58 -1.06
O3B ACO B . -22.67 -0.70 -0.84
P3B ACO B . -23.22 -1.76 0.15
O7A ACO B . -24.65 -1.47 0.48
O8A ACO B . -22.44 -1.73 1.45
O9A ACO B . -23.09 -3.11 -0.50
C4B ACO B . -20.75 0.41 -0.10
O4B ACO B . -20.73 1.63 -0.78
C5B ACO B . -19.37 0.10 0.24
O5B ACO B . -18.51 0.09 -0.88
P1A ACO B . -16.95 0.45 -0.77
O1A ACO B . -16.29 0.08 -2.10
O2A ACO B . -16.77 1.92 -0.47
O3A ACO B . -16.34 -0.33 0.49
P2A ACO B . -15.83 -1.81 0.56
O4A ACO B . -16.85 -2.80 0.05
O5A ACO B . -15.50 -2.08 2.01
O6A ACO B . -14.55 -1.95 -0.34
CBP ACO B . -12.40 -1.20 -1.32
CCP ACO B . -13.49 -1.00 -0.23
CDP ACO B . -11.57 -2.39 -0.91
CEP ACO B . -11.47 0.05 -1.40
CAP ACO B . -13.10 -1.41 -2.69
OAP ACO B . -13.94 -0.33 -3.00
C9P ACO B . -12.09 -1.61 -3.80
O9P ACO B . -11.52 -2.66 -3.95
N8P ACO B . -11.81 -0.53 -4.69
C7P ACO B . -10.84 -0.65 -5.82
C6P ACO B . -9.43 -0.32 -5.51
C5P ACO B . -9.24 0.84 -4.56
O5P ACO B . -10.05 1.78 -4.58
N4P ACO B . -8.14 0.81 -3.64
C3P ACO B . -7.92 1.88 -2.73
C2P ACO B . -6.73 2.76 -3.02
S1P ACO B . -5.16 1.95 -3.20
C ACO B . -4.38 1.96 -1.58
O ACO B . -3.62 2.91 -1.25
CH3 ACO B . -4.18 0.68 -0.81
S DMS C . 1.73 9.98 1.27
O DMS C . 1.60 9.31 -0.03
C1 DMS C . 0.81 9.54 2.71
C2 DMS C . 3.14 10.92 1.66
H11 DMS C . 0.40 10.34 3.09
H12 DMS C . 1.41 9.15 3.36
H13 DMS C . 0.13 8.91 2.47
H21 DMS C . 3.70 11.02 0.87
H22 DMS C . 3.66 10.47 2.35
H23 DMS C . 2.89 11.80 1.97
#